data_2R3A
#
_entry.id   2R3A
#
_cell.length_a   45.748
_cell.length_b   63.925
_cell.length_c   64.529
_cell.angle_alpha   90.00
_cell.angle_beta   109.33
_cell.angle_gamma   90.00
#
_symmetry.space_group_name_H-M   'P 1 21 1'
#
loop_
_entity.id
_entity.type
_entity.pdbx_description
1 polymer 'Histone-lysine N-methyltransferase SUV39H2'
2 non-polymer 'ZINC ION'
3 non-polymer S-ADENOSYLMETHIONINE
4 non-polymer SERINE
5 water water
#
_entity_poly.entity_id   1
_entity_poly.type   'polypeptide(L)'
_entity_poly.pdbx_seq_one_letter_code
;GPKDNNKTLKPAIAEYIVKKAKQRIALQRWQDELNRRKNHKGMIFVENTVDLEGPPSDFYYINEYKPAPGISLVNEATFG
CSCTDCFFQKCCPAEAGVLLAYNKNQQIKIPPGTPIYECNSRCQCGPDCPNRIVQKGTQYSLCIFRTSNGRGWGVKTLVK
IKRMSFVMEYVGEVITSEEAERRGQFYDNKGITYLFDLDYESDEFTVDAARYGNVSHFVNHSCDPNLQVFNVFIDNLDTR
LPRIALFSTRTINAGEELTFDYQMKGSGDISSDSIDHSPAKKRVRTVCKCGAVTCRGYLN
;
_entity_poly.pdbx_strand_id   A
#
loop_
_chem_comp.id
_chem_comp.type
_chem_comp.name
_chem_comp.formula
SAM non-polymer S-ADENOSYLMETHIONINE 'C15 H22 N6 O5 S'
ZN non-polymer 'ZINC ION' 'Zn 2'
#
# COMPACT_ATOMS: atom_id res chain seq x y z
N ALA A 14 28.61 11.96 -22.88
CA ALA A 14 29.47 10.82 -23.37
C ALA A 14 29.48 9.69 -22.34
N GLU A 15 29.94 10.02 -21.13
CA GLU A 15 29.83 9.14 -19.97
C GLU A 15 28.33 8.99 -19.72
N TYR A 16 27.64 10.12 -19.82
CA TYR A 16 26.20 10.22 -19.76
C TYR A 16 25.47 9.27 -20.73
N ILE A 17 25.92 9.21 -21.98
CA ILE A 17 25.24 8.44 -23.05
C ILE A 17 25.34 6.93 -22.79
N VAL A 18 26.53 6.51 -22.36
CA VAL A 18 26.75 5.12 -22.00
C VAL A 18 25.88 4.76 -20.78
N LYS A 19 25.89 5.62 -19.77
CA LYS A 19 25.08 5.43 -18.59
C LYS A 19 23.57 5.33 -18.93
N LYS A 20 23.07 6.17 -19.83
CA LYS A 20 21.66 6.11 -20.25
C LYS A 20 21.34 4.73 -20.84
N ALA A 21 22.20 4.30 -21.75
CA ALA A 21 22.00 3.03 -22.46
C ALA A 21 21.96 1.82 -21.50
N LYS A 22 22.88 1.81 -20.54
CA LYS A 22 22.89 0.74 -19.55
C LYS A 22 21.73 0.85 -18.56
N GLN A 23 21.37 2.09 -18.21
CA GLN A 23 20.23 2.37 -17.35
C GLN A 23 18.97 1.73 -17.93
N ARG A 24 18.74 1.93 -19.24
CA ARG A 24 17.56 1.37 -19.92
C ARG A 24 17.49 -0.13 -19.72
N ILE A 25 18.62 -0.83 -19.92
CA ILE A 25 18.70 -2.27 -19.72
C ILE A 25 18.44 -2.67 -18.27
N ALA A 26 19.10 -2.01 -17.32
CA ALA A 26 18.90 -2.24 -15.89
C ALA A 26 17.43 -2.09 -15.43
N LEU A 27 16.75 -1.04 -15.90
CA LEU A 27 15.35 -0.77 -15.54
C LEU A 27 14.41 -1.83 -16.15
N GLN A 28 14.70 -2.20 -17.39
CA GLN A 28 13.98 -3.34 -18.02
C GLN A 28 14.13 -4.64 -17.19
N ARG A 29 15.35 -4.94 -16.77
CA ARG A 29 15.59 -6.19 -16.05
C ARG A 29 14.89 -6.15 -14.68
N TRP A 30 14.86 -4.95 -14.08
CA TRP A 30 14.18 -4.79 -12.82
C TRP A 30 12.64 -4.93 -12.99
N GLN A 31 12.10 -4.36 -14.05
CA GLN A 31 10.67 -4.49 -14.36
C GLN A 31 10.28 -5.94 -14.50
N ASP A 32 11.11 -6.70 -15.23
CA ASP A 32 10.84 -8.12 -15.46
C ASP A 32 10.88 -8.88 -14.15
N GLU A 33 11.86 -8.58 -13.30
CA GLU A 33 11.92 -9.20 -11.97
C GLU A 33 10.68 -8.86 -11.09
N LEU A 34 10.31 -7.57 -11.02
CA LEU A 34 9.06 -7.15 -10.33
C LEU A 34 7.84 -7.95 -10.78
N ASN A 35 7.72 -8.12 -12.10
CA ASN A 35 6.59 -8.89 -12.62
C ASN A 35 6.66 -10.39 -12.34
N ARG A 36 7.85 -10.95 -12.16
CA ARG A 36 7.96 -12.36 -11.71
C ARG A 36 7.54 -12.50 -10.23
N ARG A 37 7.98 -11.55 -9.41
CA ARG A 37 7.73 -11.56 -7.96
C ARG A 37 6.28 -11.26 -7.57
N LYS A 38 5.63 -10.38 -8.32
CA LYS A 38 4.24 -9.95 -8.04
C LYS A 38 3.27 -11.12 -8.18
N ASN A 39 2.24 -11.16 -7.34
CA ASN A 39 1.27 -12.23 -7.41
C ASN A 39 -0.13 -11.73 -7.78
N HIS A 40 -0.24 -10.45 -8.12
CA HIS A 40 -1.54 -9.86 -8.44
C HIS A 40 -1.73 -9.72 -9.97
N LYS A 41 -2.95 -9.37 -10.38
CA LYS A 41 -3.31 -9.32 -11.79
C LYS A 41 -2.67 -8.16 -12.58
N GLY A 42 -2.74 -6.94 -12.05
CA GLY A 42 -2.14 -5.81 -12.75
C GLY A 42 -0.65 -5.99 -13.03
N MET A 43 -0.17 -5.39 -14.11
CA MET A 43 1.25 -5.39 -14.45
C MET A 43 2.00 -4.29 -13.72
N ILE A 44 3.30 -4.48 -13.50
CA ILE A 44 4.12 -3.39 -13.00
C ILE A 44 5.07 -2.92 -14.13
N PHE A 45 5.03 -1.63 -14.43
CA PHE A 45 5.96 -1.05 -15.37
C PHE A 45 6.94 -0.12 -14.66
N VAL A 46 8.09 0.09 -15.30
CA VAL A 46 9.13 0.95 -14.77
C VAL A 46 9.52 1.92 -15.89
N GLU A 47 9.63 3.21 -15.56
CA GLU A 47 10.10 4.19 -16.56
C GLU A 47 10.91 5.31 -15.94
N ASN A 48 11.96 5.70 -16.64
CA ASN A 48 12.71 6.89 -16.22
C ASN A 48 13.08 7.72 -17.46
N THR A 49 12.25 8.71 -17.73
CA THR A 49 12.51 9.65 -18.81
C THR A 49 13.16 10.95 -18.32
N VAL A 50 13.60 11.00 -17.06
CA VAL A 50 14.08 12.30 -16.53
C VAL A 50 15.55 12.39 -16.15
N ASP A 51 16.11 11.33 -15.58
CA ASP A 51 17.49 11.39 -15.14
C ASP A 51 18.10 10.00 -15.34
N LEU A 52 19.24 9.75 -14.70
CA LEU A 52 20.00 8.52 -14.90
C LEU A 52 19.85 7.47 -13.79
N GLU A 53 18.95 7.69 -12.85
CA GLU A 53 18.75 6.73 -11.78
C GLU A 53 18.32 5.34 -12.31
N GLY A 54 19.05 4.29 -11.92
CA GLY A 54 18.70 2.91 -12.24
C GLY A 54 17.89 2.34 -11.08
N PRO A 55 17.66 1.03 -11.08
CA PRO A 55 16.88 0.32 -10.05
C PRO A 55 17.47 0.51 -8.66
N PRO A 56 16.64 0.64 -7.62
CA PRO A 56 17.22 0.80 -6.27
C PRO A 56 18.01 -0.44 -5.83
N SER A 57 19.10 -0.25 -5.11
CA SER A 57 19.72 -1.40 -4.54
C SER A 57 19.07 -1.74 -3.15
N ASP A 58 19.20 -2.99 -2.75
CA ASP A 58 18.74 -3.44 -1.44
C ASP A 58 17.22 -3.29 -1.22
N PHE A 59 16.44 -3.62 -2.27
CA PHE A 59 14.96 -3.61 -2.23
C PHE A 59 14.45 -4.89 -2.79
N TYR A 60 13.58 -5.57 -2.04
CA TYR A 60 13.08 -6.86 -2.42
C TYR A 60 11.56 -6.83 -2.42
N TYR A 61 10.96 -7.20 -3.56
CA TYR A 61 9.52 -7.11 -3.71
C TYR A 61 8.89 -8.23 -2.94
N ILE A 62 7.92 -7.90 -2.09
CA ILE A 62 7.11 -8.93 -1.43
C ILE A 62 5.63 -8.64 -1.60
N ASN A 63 4.78 -9.68 -1.62
CA ASN A 63 3.34 -9.47 -1.81
C ASN A 63 2.54 -9.21 -0.51
N GLU A 64 3.11 -9.61 0.61
CA GLU A 64 2.41 -9.58 1.89
C GLU A 64 3.42 -9.34 2.99
N TYR A 65 2.91 -9.03 4.18
CA TYR A 65 3.71 -8.84 5.37
C TYR A 65 4.75 -9.96 5.55
N LYS A 66 5.98 -9.58 5.90
CA LYS A 66 7.04 -10.50 6.19
C LYS A 66 7.32 -10.34 7.69
N PRO A 67 6.77 -11.24 8.53
CA PRO A 67 6.93 -11.00 9.96
C PRO A 67 8.35 -11.33 10.45
N ALA A 68 8.82 -10.55 11.40
CA ALA A 68 10.07 -10.82 12.09
C ALA A 68 10.04 -12.20 12.85
N PRO A 69 11.22 -12.77 13.16
CA PRO A 69 11.26 -14.01 13.95
C PRO A 69 10.42 -13.87 15.20
N GLY A 70 9.64 -14.89 15.50
CA GLY A 70 8.80 -14.88 16.70
C GLY A 70 7.49 -14.12 16.59
N ILE A 71 7.27 -13.42 15.47
CA ILE A 71 5.98 -12.73 15.28
C ILE A 71 5.04 -13.61 14.41
N SER A 72 3.88 -13.93 14.97
CA SER A 72 2.92 -14.74 14.23
C SER A 72 1.78 -13.92 13.70
N LEU A 73 1.58 -14.05 12.39
CA LEU A 73 0.38 -13.54 11.77
C LEU A 73 -0.57 -14.75 11.67
N VAL A 74 -1.87 -14.46 11.73
CA VAL A 74 -2.94 -15.42 12.02
C VAL A 74 -2.50 -16.62 12.88
N THR A 78 -9.87 -20.15 13.70
CA THR A 78 -10.57 -19.54 12.55
C THR A 78 -12.06 -19.97 12.41
N PHE A 79 -12.95 -18.97 12.52
CA PHE A 79 -14.35 -19.15 12.16
C PHE A 79 -14.68 -18.16 11.02
N GLY A 80 -15.52 -18.61 10.11
CA GLY A 80 -16.06 -17.74 9.10
C GLY A 80 -17.57 -17.73 9.21
N CYS A 81 -18.18 -17.04 8.25
CA CYS A 81 -19.62 -16.98 8.07
C CYS A 81 -20.10 -18.19 7.25
N SER A 82 -21.43 -18.38 7.15
CA SER A 82 -22.03 -19.46 6.37
C SER A 82 -23.04 -19.01 5.32
N CYS A 83 -23.11 -17.69 5.09
CA CYS A 83 -23.91 -17.08 4.05
C CYS A 83 -23.84 -17.78 2.72
N THR A 84 -25.00 -17.89 2.09
CA THR A 84 -25.09 -18.17 0.67
C THR A 84 -25.14 -16.84 -0.12
N ASP A 85 -25.48 -15.76 0.58
CA ASP A 85 -25.44 -14.41 0.04
C ASP A 85 -24.84 -13.48 1.10
N CYS A 86 -23.49 -13.33 1.08
CA CYS A 86 -22.80 -12.49 2.08
C CYS A 86 -23.18 -11.02 1.98
N PHE A 87 -23.62 -10.60 0.81
CA PHE A 87 -24.06 -9.20 0.65
C PHE A 87 -25.32 -8.85 1.48
N PHE A 88 -26.21 -9.83 1.66
CA PHE A 88 -27.53 -9.59 2.28
C PHE A 88 -27.83 -10.33 3.56
N GLN A 89 -27.02 -11.34 3.89
CA GLN A 89 -27.17 -12.10 5.14
C GLN A 89 -26.26 -11.57 6.23
N LYS A 90 -26.41 -12.05 7.45
CA LYS A 90 -25.54 -11.62 8.57
C LYS A 90 -24.19 -12.31 8.40
N CYS A 91 -23.14 -11.53 8.21
CA CYS A 91 -21.89 -12.00 7.67
C CYS A 91 -20.73 -11.59 8.61
N CYS A 92 -19.50 -11.78 8.15
CA CYS A 92 -18.33 -11.45 8.98
C CYS A 92 -18.30 -10.06 9.61
N PRO A 93 -18.58 -8.99 8.81
CA PRO A 93 -18.57 -7.68 9.49
C PRO A 93 -19.60 -7.58 10.63
N ALA A 94 -20.83 -8.06 10.41
CA ALA A 94 -21.84 -8.09 11.47
C ALA A 94 -21.31 -8.76 12.73
N GLU A 95 -20.68 -9.92 12.56
CA GLU A 95 -20.14 -10.69 13.68
C GLU A 95 -19.09 -9.88 14.45
N ALA A 96 -18.31 -9.05 13.74
CA ALA A 96 -17.33 -8.16 14.38
C ALA A 96 -17.90 -6.83 14.92
N GLY A 97 -19.21 -6.62 14.76
CA GLY A 97 -19.90 -5.40 15.21
C GLY A 97 -19.81 -4.20 14.26
N VAL A 98 -19.48 -4.44 12.98
CA VAL A 98 -19.34 -3.35 11.99
C VAL A 98 -20.18 -3.57 10.74
N LEU A 99 -20.24 -2.56 9.90
CA LEU A 99 -20.95 -2.70 8.64
C LEU A 99 -20.11 -3.38 7.56
N LEU A 100 -20.79 -4.02 6.62
CA LEU A 100 -20.15 -4.45 5.38
C LEU A 100 -19.44 -3.20 4.75
N ALA A 101 -18.18 -3.35 4.30
CA ALA A 101 -17.41 -2.20 3.81
C ALA A 101 -17.87 -1.72 2.45
N TYR A 102 -18.42 -2.66 1.67
CA TYR A 102 -18.55 -2.51 0.25
C TYR A 102 -19.97 -2.46 -0.23
N ASN A 103 -20.17 -1.67 -1.27
CA ASN A 103 -21.38 -1.72 -2.05
C ASN A 103 -21.29 -2.80 -3.12
N LYS A 104 -22.33 -2.93 -3.92
CA LYS A 104 -22.39 -3.97 -4.94
C LYS A 104 -21.37 -3.75 -6.06
N ASN A 105 -20.87 -2.52 -6.18
CA ASN A 105 -19.86 -2.17 -7.20
C ASN A 105 -18.40 -2.18 -6.69
N GLN A 106 -18.15 -2.93 -5.61
CA GLN A 106 -16.80 -3.05 -5.02
C GLN A 106 -16.21 -1.81 -4.41
N GLN A 107 -17.02 -0.79 -4.13
CA GLN A 107 -16.51 0.42 -3.54
C GLN A 107 -16.73 0.47 -2.06
N ILE A 108 -15.74 1.01 -1.36
CA ILE A 108 -15.84 1.17 0.07
C ILE A 108 -16.82 2.31 0.41
N LYS A 109 -17.71 2.01 1.35
CA LYS A 109 -18.84 2.88 1.67
C LYS A 109 -18.84 3.22 3.16
N ILE A 110 -17.82 2.74 3.88
CA ILE A 110 -17.67 3.05 5.31
C ILE A 110 -16.63 4.17 5.51
N PRO A 111 -16.78 4.99 6.57
CA PRO A 111 -15.85 6.15 6.69
C PRO A 111 -14.44 5.77 7.16
N PRO A 112 -13.43 6.58 6.81
CA PRO A 112 -12.11 6.30 7.39
C PRO A 112 -12.16 6.01 8.92
N GLY A 113 -11.25 5.16 9.38
CA GLY A 113 -11.26 4.72 10.75
C GLY A 113 -12.10 3.49 11.08
N THR A 114 -12.95 3.07 10.15
CA THR A 114 -13.78 1.90 10.35
C THR A 114 -12.97 0.73 9.76
N PRO A 115 -12.94 -0.42 10.47
CA PRO A 115 -12.16 -1.54 9.96
C PRO A 115 -12.94 -2.33 8.93
N ILE A 116 -12.20 -2.91 8.00
CA ILE A 116 -12.73 -3.81 7.01
C ILE A 116 -12.53 -5.26 7.51
N TYR A 117 -13.63 -6.00 7.67
CA TYR A 117 -13.59 -7.43 8.02
C TYR A 117 -14.09 -8.15 6.79
N GLU A 118 -13.16 -8.69 6.02
CA GLU A 118 -13.51 -9.43 4.80
C GLU A 118 -13.77 -10.90 5.15
N CYS A 119 -14.40 -11.63 4.25
CA CYS A 119 -14.55 -13.05 4.43
C CYS A 119 -13.17 -13.71 4.24
N ASN A 120 -13.02 -14.92 4.77
CA ASN A 120 -11.69 -15.50 4.94
C ASN A 120 -11.71 -16.98 4.54
N SER A 121 -10.59 -17.68 4.78
CA SER A 121 -10.41 -19.08 4.35
C SER A 121 -11.40 -20.04 5.03
N ARG A 122 -11.99 -19.59 6.12
CA ARG A 122 -12.95 -20.37 6.87
C ARG A 122 -14.40 -20.12 6.48
N CYS A 123 -14.70 -19.05 5.73
CA CYS A 123 -16.08 -18.80 5.30
C CYS A 123 -16.48 -19.79 4.20
N GLN A 124 -17.79 -20.04 4.07
CA GLN A 124 -18.31 -20.96 3.06
C GLN A 124 -18.27 -20.42 1.64
N CYS A 125 -18.30 -19.07 1.53
CA CYS A 125 -18.40 -18.38 0.25
C CYS A 125 -17.14 -18.53 -0.60
N GLY A 126 -17.33 -18.45 -1.90
CA GLY A 126 -16.24 -18.54 -2.87
C GLY A 126 -15.64 -17.17 -3.18
N PRO A 127 -14.70 -17.14 -4.13
CA PRO A 127 -13.92 -15.95 -4.52
C PRO A 127 -14.75 -14.73 -4.90
N ASP A 128 -15.89 -14.95 -5.54
CA ASP A 128 -16.66 -13.83 -6.04
C ASP A 128 -17.66 -13.27 -5.00
N CYS A 129 -17.47 -13.65 -3.73
CA CYS A 129 -18.12 -12.95 -2.63
C CYS A 129 -17.81 -11.42 -2.67
N PRO A 130 -18.87 -10.59 -2.57
CA PRO A 130 -18.68 -9.16 -2.65
C PRO A 130 -17.90 -8.66 -1.43
N ASN A 131 -17.69 -9.54 -0.43
CA ASN A 131 -16.86 -9.18 0.74
C ASN A 131 -15.41 -9.71 0.65
N ARG A 132 -14.93 -9.92 -0.56
CA ARG A 132 -13.53 -10.36 -0.74
C ARG A 132 -12.89 -9.46 -1.80
N ILE A 133 -12.34 -8.32 -1.38
CA ILE A 133 -11.86 -7.32 -2.34
C ILE A 133 -10.35 -7.13 -2.19
N VAL A 134 -9.91 -6.73 -0.99
CA VAL A 134 -8.48 -6.51 -0.73
C VAL A 134 -7.73 -7.79 -1.09
N GLN A 135 -8.29 -8.91 -0.64
CA GLN A 135 -7.66 -10.21 -0.84
C GLN A 135 -7.50 -10.65 -2.28
N LYS A 136 -8.29 -10.10 -3.20
CA LYS A 136 -8.13 -10.41 -4.64
C LYS A 136 -6.90 -9.78 -5.25
N GLY A 137 -6.28 -8.83 -4.55
CA GLY A 137 -5.06 -8.18 -5.01
C GLY A 137 -5.31 -7.03 -5.98
N THR A 138 -4.26 -6.29 -6.28
CA THR A 138 -4.33 -5.13 -7.17
C THR A 138 -4.74 -5.51 -8.60
N GLN A 139 -5.80 -4.89 -9.13
CA GLN A 139 -6.28 -5.27 -10.50
C GLN A 139 -5.72 -4.35 -11.59
N TYR A 140 -5.11 -3.26 -11.16
CA TYR A 140 -4.69 -2.21 -12.07
C TYR A 140 -3.23 -2.29 -12.43
N SER A 141 -2.95 -2.06 -13.70
CA SER A 141 -1.56 -1.90 -14.16
C SER A 141 -1.04 -0.55 -13.68
N LEU A 142 0.17 -0.60 -13.11
CA LEU A 142 0.76 0.57 -12.45
C LEU A 142 2.17 0.73 -12.97
N CYS A 143 2.71 1.95 -12.85
CA CYS A 143 4.05 2.24 -13.34
C CYS A 143 4.85 2.97 -12.26
N ILE A 144 6.02 2.45 -11.93
CA ILE A 144 6.99 3.16 -11.10
C ILE A 144 7.78 4.03 -12.07
N PHE A 145 7.69 5.35 -11.92
CA PHE A 145 8.25 6.29 -12.89
C PHE A 145 9.07 7.33 -12.15
N ARG A 146 10.03 7.97 -12.84
CA ARG A 146 10.85 8.95 -12.18
C ARG A 146 10.13 10.31 -12.22
N THR A 147 9.84 10.92 -11.06
CA THR A 147 9.22 12.25 -11.04
C THR A 147 10.17 13.34 -11.64
N SER A 148 9.59 14.45 -12.09
CA SER A 148 10.33 15.42 -12.87
C SER A 148 10.74 16.59 -11.99
N ASN A 149 10.21 16.66 -10.78
CA ASN A 149 10.50 17.82 -9.92
C ASN A 149 11.12 17.49 -8.58
N GLY A 150 11.96 16.46 -8.56
CA GLY A 150 12.79 16.15 -7.42
C GLY A 150 12.18 15.28 -6.34
N ARG A 151 11.10 14.54 -6.66
CA ARG A 151 10.50 13.67 -5.65
C ARG A 151 10.90 12.18 -5.83
N GLY A 152 11.96 11.93 -6.62
CA GLY A 152 12.50 10.57 -6.82
C GLY A 152 11.53 9.73 -7.65
N TRP A 153 11.47 8.43 -7.35
CA TRP A 153 10.46 7.55 -7.93
C TRP A 153 9.09 7.85 -7.37
N GLY A 154 8.10 7.68 -8.23
CA GLY A 154 6.70 7.69 -7.82
C GLY A 154 5.96 6.57 -8.52
N VAL A 155 4.65 6.49 -8.30
CA VAL A 155 3.83 5.44 -8.91
C VAL A 155 2.63 6.14 -9.56
N LYS A 156 2.35 5.79 -10.81
CA LYS A 156 1.14 6.21 -11.46
C LYS A 156 0.29 5.04 -11.91
N THR A 157 -1.01 5.29 -12.05
CA THR A 157 -1.86 4.29 -12.66
C THR A 157 -1.85 4.47 -14.20
N LEU A 158 -1.87 3.36 -14.94
CA LEU A 158 -1.99 3.44 -16.38
C LEU A 158 -3.46 3.46 -16.86
N VAL A 159 -4.38 3.19 -15.95
CA VAL A 159 -5.82 3.09 -16.28
C VAL A 159 -6.62 3.94 -15.29
N LYS A 160 -7.86 4.25 -15.62
CA LYS A 160 -8.73 4.99 -14.73
C LYS A 160 -9.10 4.11 -13.54
N ILE A 161 -9.15 4.70 -12.34
CA ILE A 161 -9.58 3.97 -11.13
C ILE A 161 -10.81 4.70 -10.56
N LYS A 162 -11.94 4.00 -10.42
CA LYS A 162 -13.16 4.55 -9.81
C LYS A 162 -12.91 5.05 -8.39
N ARG A 163 -13.72 6.02 -7.94
CA ARG A 163 -13.63 6.50 -6.56
C ARG A 163 -13.89 5.32 -5.61
N MET A 164 -13.29 5.40 -4.44
CA MET A 164 -13.59 4.49 -3.35
C MET A 164 -13.26 3.06 -3.73
N SER A 165 -12.20 2.89 -4.51
CA SER A 165 -11.80 1.54 -4.95
C SER A 165 -10.49 1.09 -4.37
N PHE A 166 -10.34 -0.23 -4.21
CA PHE A 166 -9.10 -0.81 -3.72
C PHE A 166 -7.97 -0.61 -4.73
N VAL A 167 -6.84 -0.08 -4.27
CA VAL A 167 -5.70 0.07 -5.19
C VAL A 167 -4.56 -0.91 -4.87
N MET A 168 -4.04 -0.88 -3.64
CA MET A 168 -2.92 -1.75 -3.24
C MET A 168 -2.87 -1.76 -1.73
N GLU A 169 -2.16 -2.75 -1.17
CA GLU A 169 -1.89 -2.78 0.26
C GLU A 169 -0.58 -2.08 0.54
N TYR A 170 -0.40 -1.63 1.77
CA TYR A 170 0.92 -1.24 2.30
C TYR A 170 1.50 -2.51 2.97
N VAL A 171 2.69 -2.90 2.54
CA VAL A 171 3.33 -4.13 3.07
C VAL A 171 4.82 -3.83 3.37
N GLY A 172 5.44 -4.70 4.15
CA GLY A 172 6.82 -4.56 4.56
C GLY A 172 7.07 -5.63 5.59
N GLU A 173 8.22 -5.51 6.26
CA GLU A 173 8.48 -6.31 7.45
C GLU A 173 7.53 -5.90 8.55
N VAL A 174 7.06 -6.86 9.33
CA VAL A 174 6.28 -6.58 10.53
C VAL A 174 7.20 -6.82 11.75
N ILE A 175 7.51 -5.72 12.44
CA ILE A 175 8.44 -5.72 13.56
C ILE A 175 7.73 -5.10 14.76
N THR A 176 8.32 -5.17 15.95
CA THR A 176 7.71 -4.42 17.06
C THR A 176 7.96 -2.94 16.85
N SER A 177 7.15 -2.11 17.48
CA SER A 177 7.40 -0.67 17.49
C SER A 177 8.74 -0.29 18.15
N GLU A 178 9.18 -1.09 19.11
CA GLU A 178 10.49 -0.86 19.74
C GLU A 178 11.63 -1.01 18.73
N GLU A 179 11.60 -2.13 18.00
CA GLU A 179 12.51 -2.38 16.87
C GLU A 179 12.52 -1.27 15.82
N ALA A 180 11.35 -0.75 15.47
CA ALA A 180 11.25 0.34 14.48
C ALA A 180 11.93 1.60 15.01
N GLU A 181 11.64 1.95 16.26
CA GLU A 181 12.35 3.09 16.87
C GLU A 181 13.88 2.92 16.71
N ARG A 182 14.41 1.75 17.07
CA ARG A 182 15.85 1.51 17.04
C ARG A 182 16.40 1.49 15.62
N ARG A 183 15.68 0.85 14.72
CA ARG A 183 16.03 0.92 13.31
C ARG A 183 16.05 2.36 12.84
N GLY A 184 15.02 3.14 13.19
CA GLY A 184 14.90 4.52 12.75
C GLY A 184 16.11 5.39 13.07
N GLN A 185 16.76 5.13 14.22
CA GLN A 185 17.98 5.88 14.62
C GLN A 185 19.07 5.88 13.54
N PHE A 186 19.18 4.79 12.79
CA PHE A 186 20.16 4.72 11.74
C PHE A 186 19.56 5.00 10.36
N TYR A 187 18.31 5.42 10.31
CA TYR A 187 17.65 5.70 9.03
C TYR A 187 17.74 7.19 8.75
N ASP A 188 17.91 7.54 7.49
CA ASP A 188 17.78 8.95 7.06
C ASP A 188 16.29 9.28 6.97
N ASN A 189 15.95 10.51 6.57
CA ASN A 189 14.54 10.91 6.47
C ASN A 189 13.64 10.03 5.59
N LYS A 190 14.16 9.66 4.42
CA LYS A 190 13.47 8.73 3.51
C LYS A 190 13.20 7.40 4.22
N GLY A 191 14.20 6.85 4.93
CA GLY A 191 14.08 5.53 5.60
C GLY A 191 12.95 5.51 6.64
N ILE A 192 12.86 6.60 7.42
CA ILE A 192 11.79 6.80 8.39
C ILE A 192 10.41 6.81 7.74
N THR A 193 10.32 7.37 6.54
CA THR A 193 9.04 7.34 5.81
C THR A 193 8.52 5.93 5.49
N TYR A 194 9.41 4.93 5.50
CA TYR A 194 8.99 3.54 5.28
C TYR A 194 8.42 2.86 6.54
N LEU A 195 8.47 3.54 7.68
CA LEU A 195 7.89 3.02 8.93
C LEU A 195 6.40 3.39 9.06
N PHE A 196 5.59 2.37 9.29
CA PHE A 196 4.14 2.55 9.28
C PHE A 196 3.62 1.85 10.52
N ASP A 197 3.32 2.63 11.55
CA ASP A 197 2.79 2.08 12.79
C ASP A 197 1.41 1.48 12.58
N LEU A 198 1.23 0.28 13.09
CA LEU A 198 -0.06 -0.40 13.06
C LEU A 198 -0.90 0.02 14.30
N ASP A 199 -1.19 1.31 14.40
CA ASP A 199 -1.72 1.83 15.64
C ASP A 199 -3.23 1.99 15.68
N TYR A 200 -3.92 1.28 14.79
CA TYR A 200 -5.38 1.23 14.80
C TYR A 200 -5.90 1.01 16.22
N GLU A 201 -5.45 -0.09 16.85
CA GLU A 201 -5.86 -0.38 18.21
C GLU A 201 -4.75 -0.75 19.20
N SER A 202 -3.50 -0.55 18.81
CA SER A 202 -2.35 -1.01 19.61
C SER A 202 -1.09 -0.27 19.19
N ASP A 203 -0.20 -0.08 20.16
CA ASP A 203 1.12 0.50 19.92
C ASP A 203 2.21 -0.54 19.72
N GLU A 204 1.84 -1.81 19.55
CA GLU A 204 2.86 -2.88 19.57
C GLU A 204 3.72 -3.02 18.31
N PHE A 205 3.06 -3.07 17.15
CA PHE A 205 3.75 -3.38 15.89
C PHE A 205 3.78 -2.24 14.84
N THR A 206 4.78 -2.37 13.95
CA THR A 206 5.11 -1.37 12.95
C THR A 206 5.47 -2.16 11.72
N VAL A 207 5.03 -1.65 10.57
CA VAL A 207 5.46 -2.14 9.25
C VAL A 207 6.68 -1.32 8.80
N ASP A 208 7.74 -2.00 8.42
CA ASP A 208 8.89 -1.33 7.84
C ASP A 208 9.08 -1.79 6.39
N ALA A 209 8.75 -0.90 5.46
CA ALA A 209 8.86 -1.21 4.06
C ALA A 209 10.22 -0.80 3.48
N ALA A 210 11.21 -0.45 4.33
CA ALA A 210 12.48 0.11 3.80
C ALA A 210 13.24 -0.83 2.85
N ARG A 211 13.24 -2.13 3.16
CA ARG A 211 14.03 -3.10 2.40
C ARG A 211 13.14 -4.08 1.68
N TYR A 212 12.05 -4.47 2.34
CA TYR A 212 11.03 -5.39 1.79
C TYR A 212 9.73 -4.62 1.70
N GLY A 213 9.18 -4.57 0.48
CA GLY A 213 7.96 -3.84 0.22
C GLY A 213 7.31 -4.27 -1.07
N ASN A 214 6.14 -3.70 -1.35
CA ASN A 214 5.54 -3.83 -2.69
C ASN A 214 5.54 -2.45 -3.40
N VAL A 215 4.65 -2.22 -4.37
CA VAL A 215 4.64 -0.93 -5.07
C VAL A 215 4.37 0.28 -4.14
N SER A 216 3.68 0.04 -3.02
CA SER A 216 3.42 1.11 -2.02
C SER A 216 4.72 1.73 -1.48
N HIS A 217 5.82 0.98 -1.56
CA HIS A 217 7.19 1.44 -1.19
C HIS A 217 7.57 2.69 -2.06
N PHE A 218 6.98 2.83 -3.25
CA PHE A 218 7.38 3.96 -4.15
C PHE A 218 6.34 5.10 -4.24
N VAL A 219 5.25 4.97 -3.49
CA VAL A 219 4.19 5.99 -3.50
C VAL A 219 4.56 7.22 -2.70
N ASN A 220 4.47 8.39 -3.36
CA ASN A 220 4.80 9.69 -2.73
C ASN A 220 3.69 10.28 -1.88
N HIS A 221 4.08 11.21 -1.02
CA HIS A 221 3.19 11.99 -0.18
C HIS A 221 2.54 13.09 -0.95
N SER A 222 1.26 13.30 -0.67
CA SER A 222 0.61 14.53 -1.10
C SER A 222 -0.24 15.11 0.00
N CYS A 223 -0.37 16.44 -0.02
CA CYS A 223 -1.24 17.21 0.92
C CYS A 223 -2.72 17.23 0.51
N ASP A 224 -2.96 16.82 -0.73
CA ASP A 224 -4.29 16.54 -1.24
C ASP A 224 -4.25 15.16 -1.96
N PRO A 225 -4.20 14.06 -1.18
CA PRO A 225 -3.89 12.79 -1.78
C PRO A 225 -5.10 12.13 -2.46
N ASN A 226 -4.81 11.12 -3.29
CA ASN A 226 -5.87 10.37 -3.94
C ASN A 226 -6.03 8.95 -3.39
N LEU A 227 -5.25 8.62 -2.36
CA LEU A 227 -5.40 7.34 -1.62
C LEU A 227 -5.51 7.59 -0.13
N GLN A 228 -6.16 6.63 0.54
CA GLN A 228 -6.58 6.73 1.93
C GLN A 228 -6.38 5.33 2.55
N VAL A 229 -5.85 5.27 3.77
CA VAL A 229 -5.64 4.03 4.54
C VAL A 229 -6.93 3.44 5.13
N PHE A 230 -7.08 2.12 5.06
CA PHE A 230 -8.10 1.39 5.84
C PHE A 230 -7.44 0.18 6.47
N ASN A 231 -7.88 -0.21 7.66
CA ASN A 231 -7.38 -1.42 8.32
C ASN A 231 -8.21 -2.58 7.87
N VAL A 232 -7.55 -3.74 7.68
CA VAL A 232 -8.19 -4.92 7.08
C VAL A 232 -7.85 -6.17 7.90
N PHE A 233 -8.92 -6.92 8.14
CA PHE A 233 -8.84 -8.19 8.82
C PHE A 233 -9.45 -9.21 7.91
N ILE A 234 -8.67 -10.20 7.51
CA ILE A 234 -9.16 -11.29 6.67
C ILE A 234 -9.06 -12.56 7.52
N ASP A 235 -7.94 -13.27 7.42
CA ASP A 235 -7.73 -14.45 8.25
C ASP A 235 -7.30 -14.05 9.66
N ASN A 236 -6.72 -12.85 9.75
N ASN A 236 -6.58 -12.94 9.82
CA ASN A 236 -6.25 -12.20 10.99
CA ASN A 236 -6.27 -12.46 11.17
C ASN A 236 -7.34 -11.42 11.75
C ASN A 236 -7.41 -11.61 11.71
N LEU A 237 -7.66 -11.79 13.00
CA LEU A 237 -8.66 -11.04 13.78
C LEU A 237 -8.04 -10.25 14.93
N ASP A 238 -6.74 -10.41 15.15
CA ASP A 238 -6.01 -9.69 16.19
C ASP A 238 -5.76 -8.26 15.73
N THR A 239 -6.37 -7.31 16.42
CA THR A 239 -6.40 -5.93 16.02
C THR A 239 -5.08 -5.20 16.25
N ARG A 240 -4.11 -5.93 16.82
CA ARG A 240 -2.74 -5.44 16.94
C ARG A 240 -2.08 -5.51 15.57
N LEU A 241 -2.64 -6.33 14.67
CA LEU A 241 -1.99 -6.68 13.41
C LEU A 241 -2.87 -6.51 12.16
N PRO A 242 -3.46 -5.31 11.98
CA PRO A 242 -4.29 -5.17 10.77
C PRO A 242 -3.39 -5.17 9.53
N ARG A 243 -3.96 -5.61 8.42
CA ARG A 243 -3.35 -5.39 7.11
C ARG A 243 -3.81 -3.96 6.75
N ILE A 244 -3.02 -3.31 5.92
CA ILE A 244 -3.28 -1.93 5.52
CA ILE A 244 -3.27 -1.93 5.53
C ILE A 244 -3.62 -1.91 4.05
N ALA A 245 -4.75 -1.32 3.74
CA ALA A 245 -5.16 -1.14 2.36
C ALA A 245 -5.28 0.35 1.98
N LEU A 246 -4.89 0.67 0.75
CA LEU A 246 -5.02 1.98 0.17
C LEU A 246 -6.15 1.96 -0.87
N PHE A 247 -7.17 2.76 -0.58
CA PHE A 247 -8.33 2.90 -1.44
C PHE A 247 -8.29 4.33 -2.05
N SER A 248 -8.77 4.47 -3.27
CA SER A 248 -8.90 5.79 -3.85
C SER A 248 -9.95 6.65 -3.07
N THR A 249 -9.71 7.97 -3.01
CA THR A 249 -10.59 8.92 -2.34
C THR A 249 -11.53 9.60 -3.38
N ARG A 250 -11.25 9.40 -4.67
CA ARG A 250 -11.92 10.06 -5.78
C ARG A 250 -11.56 9.31 -7.04
N THR A 251 -12.17 9.69 -8.16
CA THR A 251 -11.78 9.15 -9.45
C THR A 251 -10.33 9.53 -9.76
N ILE A 252 -9.53 8.54 -10.15
CA ILE A 252 -8.14 8.79 -10.52
C ILE A 252 -8.05 8.50 -12.02
N ASN A 253 -7.57 9.48 -12.80
CA ASN A 253 -7.47 9.33 -14.24
C ASN A 253 -6.27 8.51 -14.69
N ALA A 254 -6.40 7.81 -15.82
CA ALA A 254 -5.24 7.19 -16.48
C ALA A 254 -4.01 8.13 -16.55
N GLY A 255 -2.84 7.62 -16.14
CA GLY A 255 -1.59 8.40 -16.19
C GLY A 255 -1.34 9.18 -14.90
N GLU A 256 -2.35 9.24 -14.01
CA GLU A 256 -2.23 10.04 -12.79
C GLU A 256 -1.33 9.43 -11.72
N GLU A 257 -0.48 10.25 -11.06
CA GLU A 257 0.32 9.71 -9.94
C GLU A 257 -0.56 9.38 -8.69
N LEU A 258 -0.31 8.22 -8.09
CA LEU A 258 -0.95 7.84 -6.84
C LEU A 258 -0.17 8.43 -5.64
N THR A 259 -0.91 8.94 -4.65
CA THR A 259 -0.34 9.61 -3.50
C THR A 259 -1.18 9.30 -2.26
N PHE A 260 -0.54 9.33 -1.09
CA PHE A 260 -1.29 9.33 0.14
C PHE A 260 -0.66 10.31 1.11
N ASP A 261 -1.38 10.63 2.18
CA ASP A 261 -0.91 11.63 3.15
C ASP A 261 -0.10 10.88 4.20
N TYR A 262 1.21 11.08 4.15
CA TYR A 262 2.15 10.38 5.08
C TYR A 262 1.84 10.65 6.56
N GLN A 263 1.16 11.76 6.82
CA GLN A 263 0.74 12.18 8.17
C GLN A 263 -0.51 11.43 8.62
N MET A 264 -1.17 10.78 7.66
CA MET A 264 -2.42 10.05 7.93
C MET A 264 -2.21 8.55 7.85
N LYS A 265 -1.07 8.07 8.31
CA LYS A 265 -0.86 6.62 8.36
C LYS A 265 -1.83 6.01 9.39
N GLY A 266 -2.12 6.79 10.42
CA GLY A 266 -3.13 6.42 11.38
C GLY A 266 -3.72 7.71 11.87
N SER A 267 -4.65 7.60 12.80
CA SER A 267 -5.33 8.79 13.33
C SER A 267 -4.75 9.28 14.66
N GLY A 268 -3.63 8.67 15.08
CA GLY A 268 -2.92 9.06 16.29
C GLY A 268 -2.19 10.38 16.20
N ARG A 283 16.50 16.29 13.61
CA ARG A 283 15.86 15.89 12.34
C ARG A 283 15.39 17.02 11.37
N VAL A 284 15.93 17.04 10.16
CA VAL A 284 15.57 18.00 9.13
C VAL A 284 14.11 17.85 8.67
N ARG A 285 13.42 18.97 8.46
CA ARG A 285 12.08 18.94 7.86
C ARG A 285 12.21 18.90 6.33
N THR A 286 11.67 17.84 5.70
CA THR A 286 11.73 17.68 4.26
C THR A 286 10.65 18.54 3.64
N VAL A 287 11.05 19.34 2.67
CA VAL A 287 10.12 20.25 2.03
C VAL A 287 9.21 19.45 1.08
N CYS A 288 7.92 19.69 1.21
CA CYS A 288 6.94 19.03 0.37
C CYS A 288 6.84 19.67 -1.00
N LYS A 289 6.98 18.84 -2.03
CA LYS A 289 6.87 19.32 -3.41
C LYS A 289 5.63 18.72 -4.11
N CYS A 290 4.60 18.46 -3.31
CA CYS A 290 3.43 17.77 -3.85
C CYS A 290 2.71 18.58 -4.94
N GLY A 291 2.86 19.92 -4.89
CA GLY A 291 2.29 20.81 -5.90
C GLY A 291 0.87 21.28 -5.68
N ALA A 292 0.20 20.74 -4.67
CA ALA A 292 -1.13 21.14 -4.29
C ALA A 292 -1.17 22.61 -3.94
N VAL A 293 -2.19 23.30 -4.40
CA VAL A 293 -2.47 24.65 -3.91
C VAL A 293 -2.46 24.73 -2.36
N THR A 294 -3.04 23.74 -1.72
CA THR A 294 -3.10 23.73 -0.26
C THR A 294 -1.90 23.03 0.41
N CYS A 295 -0.79 22.89 -0.31
CA CYS A 295 0.39 22.22 0.20
C CYS A 295 0.78 22.73 1.61
N ARG A 296 1.09 21.81 2.52
CA ARG A 296 1.44 22.22 3.90
C ARG A 296 2.91 22.64 4.05
N GLY A 297 3.70 22.35 3.02
CA GLY A 297 5.08 22.85 2.91
C GLY A 297 6.13 21.84 3.31
N TYR A 298 5.73 20.91 4.17
CA TYR A 298 6.65 19.93 4.73
C TYR A 298 6.02 18.56 4.83
N LEU A 299 6.83 17.51 4.73
CA LEU A 299 6.35 16.12 4.92
C LEU A 299 6.27 15.72 6.40
N ASN A 300 7.14 16.30 7.25
CA ASN A 300 7.22 15.92 8.68
C ASN A 300 7.28 17.11 9.63
ZN ZN B . 2.46 19.24 -0.10
ZN ZN C . -20.93 -14.05 4.71
ZN ZN D . -17.37 -14.42 5.79
ZN ZN E . -18.40 -14.08 1.98
N SAM F . 10.18 9.07 -3.89
CA SAM F . 10.55 7.79 -3.22
C SAM F . 11.72 7.07 -3.94
O SAM F . 12.36 7.62 -4.82
OXT SAM F . 12.04 5.94 -3.68
CB SAM F . 9.33 6.91 -3.01
CG SAM F . 8.56 7.20 -1.72
SD SAM F . 9.57 7.11 -0.19
CE SAM F . 8.32 6.13 0.71
C5' SAM F . 9.37 8.76 0.56
C4' SAM F . 10.45 9.75 0.12
O4' SAM F . 10.16 10.24 -1.19
C3' SAM F . 10.60 10.98 0.99
O3' SAM F . 11.55 10.84 2.01
C2' SAM F . 11.06 12.02 -0.01
O2' SAM F . 12.41 11.84 -0.32
C1' SAM F . 10.34 11.64 -1.28
N9 SAM F . 9.01 12.30 -1.34
C8 SAM F . 7.78 11.68 -1.32
N7 SAM F . 6.83 12.61 -1.41
C5 SAM F . 7.41 13.81 -1.50
C6 SAM F . 6.91 15.12 -1.61
N6 SAM F . 5.59 15.37 -1.66
N1 SAM F . 7.82 16.15 -1.66
C2 SAM F . 9.18 15.95 -1.62
N3 SAM F . 9.67 14.66 -1.54
C4 SAM F . 8.79 13.63 -1.46
N SER G . -21.78 -14.17 -3.96
CA SER G . -20.97 -15.03 -3.03
C SER G . -20.45 -16.36 -3.62
O SER G . -20.02 -16.39 -4.81
CB SER G . -21.73 -15.24 -1.69
OG SER G . -22.09 -13.98 -1.15
OXT SER G . -20.39 -17.42 -2.94
#